data_5A5I
#
_entry.id   5A5I
#
_cell.length_a   92.217
_cell.length_b   92.217
_cell.length_c   170.414
_cell.angle_alpha   90.00
_cell.angle_beta   90.00
_cell.angle_gamma   120.00
#
_symmetry.space_group_name_H-M   'H 3'
#
loop_
_entity.id
_entity.type
_entity.pdbx_description
1 polymer 'CYTOCHROME P450 2C9'
2 non-polymer N-[4-(3-chloranyl-4-cyano-phenoxy)cyclohexyl]-1,1,1-tris(fluoranyl)methanesulfonamide
3 non-polymer 'PROTOPORPHYRIN IX CONTAINING FE'
4 water water
#
_entity_poly.entity_id   1
_entity_poly.type   'polypeptide(L)'
_entity_poly.pdbx_seq_one_letter_code
;MAKKTSSGRGKLPPGPTPLPVIGNILQIGIKDISKSLTNLSKVYGPVFTLYFGLKPIVVLHGYEAVKEALIDLGEEFSGR
GIFPLAERANRGFGIVFSNGKKWKEIRRFSLMTLRNFGMGKRSIEDRVQEEARCLVEELRKTKASPCDPTFILGCAPCNV
ICSIIFHKRFDYKDQQFLNLMEKLNENIKILSSPWIQICNNFSPIIDYFPGTHNKLLKNVAFMKSYILEKVKEHQESMDM
NNPQDFIDCFLMKMEKEKHNQPSEFTIESLENTAVDLFGAGTETTSTTLRYALLLLLKHPEVTAKVQEEIERVIGRNRSP
CMQDRSHMPYTDAVVHEVQRYIDLLPTSLPHAVTCDIKFRNYLIPKGTTILISLTSVLHDNKEFPNPEMFDPHHFLDEGG
NFKKSKYFMPFSAGKRICVGEALAGMELFLFLTSILQNFNLKSLVDPKNLDTTPVVNGFASVPPFYQLCFIPIHHHH
;
_entity_poly.pdbx_strand_id   A
#
loop_
_chem_comp.id
_chem_comp.type
_chem_comp.name
_chem_comp.formula
HEM non-polymer 'PROTOPORPHYRIN IX CONTAINING FE' 'C34 H32 Fe N4 O4'
XI1 non-polymer N-[4-(3-chloranyl-4-cyano-phenoxy)cyclohexyl]-1,1,1-tris(fluoranyl)methanesulfonamide 'C14 H14 Cl F3 N2 O3 S'
#
# COMPACT_ATOMS: atom_id res chain seq x y z
N ARG A 9 18.87 -31.10 -10.87
CA ARG A 9 19.28 -29.74 -10.40
C ARG A 9 18.14 -29.06 -9.59
N GLY A 10 17.00 -28.79 -10.24
CA GLY A 10 15.81 -28.22 -9.56
C GLY A 10 14.80 -29.28 -9.11
N LYS A 11 14.36 -29.20 -7.85
CA LYS A 11 13.24 -30.01 -7.34
C LYS A 11 12.18 -29.13 -6.69
N LEU A 12 11.26 -28.69 -7.51
CA LEU A 12 10.13 -27.88 -7.08
C LEU A 12 9.11 -28.69 -6.29
N PRO A 13 8.33 -28.01 -5.44
CA PRO A 13 7.36 -28.73 -4.61
C PRO A 13 6.23 -29.25 -5.43
N PRO A 14 5.50 -30.21 -4.89
CA PRO A 14 4.44 -30.81 -5.68
C PRO A 14 3.23 -29.91 -5.84
N GLY A 15 2.34 -30.26 -6.77
CA GLY A 15 1.20 -29.45 -7.06
C GLY A 15 0.20 -30.12 -7.97
N PRO A 16 -0.80 -29.37 -8.45
CA PRO A 16 -1.75 -29.91 -9.39
C PRO A 16 -1.21 -29.96 -10.82
N THR A 17 -1.92 -30.64 -11.74
CA THR A 17 -1.43 -30.69 -13.11
C THR A 17 -1.62 -29.33 -13.76
N PRO A 18 -0.71 -28.94 -14.66
CA PRO A 18 -0.57 -27.59 -15.21
C PRO A 18 -1.76 -26.90 -15.87
N LEU A 19 -1.45 -25.75 -16.50
CA LEU A 19 -2.37 -24.91 -17.29
C LEU A 19 -3.33 -24.06 -16.47
N PRO A 20 -3.55 -24.39 -15.17
CA PRO A 20 -4.84 -24.06 -14.55
C PRO A 20 -5.02 -22.57 -14.23
N LEU A 26 -16.74 -16.86 -14.87
CA LEU A 26 -16.46 -15.95 -15.98
C LEU A 26 -15.23 -15.12 -15.57
N GLN A 27 -15.46 -14.09 -14.75
CA GLN A 27 -14.43 -13.08 -14.38
C GLN A 27 -13.81 -13.45 -13.01
N ILE A 28 -12.51 -13.76 -12.99
CA ILE A 28 -11.83 -14.23 -11.75
C ILE A 28 -10.93 -13.14 -11.04
N GLY A 29 -11.28 -12.82 -9.79
CA GLY A 29 -10.60 -11.75 -9.00
C GLY A 29 -9.55 -12.29 -8.06
N ILE A 30 -8.76 -11.41 -7.45
CA ILE A 30 -7.77 -11.84 -6.46
C ILE A 30 -8.34 -12.64 -5.29
N LYS A 31 -9.56 -12.33 -4.86
CA LYS A 31 -10.13 -13.06 -3.73
C LYS A 31 -10.54 -14.49 -4.10
N ASP A 32 -10.94 -14.68 -5.34
CA ASP A 32 -11.22 -16.02 -5.86
C ASP A 32 -9.90 -16.78 -5.98
N ILE A 33 -8.87 -16.09 -6.46
CA ILE A 33 -7.53 -16.73 -6.55
C ILE A 33 -7.07 -17.14 -5.18
N SER A 34 -7.28 -16.28 -4.22
CA SER A 34 -6.78 -16.53 -2.87
C SER A 34 -7.46 -17.75 -2.22
N LYS A 35 -8.75 -17.84 -2.45
CA LYS A 35 -9.57 -18.97 -1.99
C LYS A 35 -9.12 -20.28 -2.65
N SER A 36 -8.93 -20.27 -3.96
CA SER A 36 -8.33 -21.46 -4.61
C SER A 36 -7.02 -21.85 -3.96
N LEU A 37 -6.19 -20.84 -3.64
CA LEU A 37 -4.87 -21.16 -3.11
C LEU A 37 -5.00 -21.88 -1.77
N THR A 38 -5.98 -21.46 -0.99
CA THR A 38 -6.16 -22.05 0.35
C THR A 38 -6.71 -23.47 0.25
N ASN A 39 -7.62 -23.70 -0.70
CA ASN A 39 -8.14 -25.06 -0.96
C ASN A 39 -7.06 -26.02 -1.43
N LEU A 40 -6.15 -25.54 -2.29
CA LEU A 40 -4.97 -26.32 -2.68
C LEU A 40 -4.03 -26.65 -1.55
N SER A 41 -3.93 -25.79 -0.53
CA SER A 41 -3.06 -26.10 0.60
C SER A 41 -3.56 -27.23 1.50
N LYS A 42 -4.86 -27.48 1.48
CA LYS A 42 -5.40 -28.58 2.30
C LYS A 42 -5.06 -29.91 1.63
N VAL A 43 -5.00 -29.88 0.32
CA VAL A 43 -4.58 -31.03 -0.48
C VAL A 43 -3.05 -31.28 -0.38
N TYR A 44 -2.25 -30.33 -0.87
CA TYR A 44 -0.75 -30.45 -0.88
C TYR A 44 0.05 -29.90 0.30
N GLY A 45 -0.57 -29.20 1.24
CA GLY A 45 0.17 -28.62 2.33
C GLY A 45 0.69 -27.19 2.13
N PRO A 46 1.57 -26.70 3.04
CA PRO A 46 1.81 -25.24 3.12
C PRO A 46 2.63 -24.73 1.94
N VAL A 47 3.35 -25.61 1.22
CA VAL A 47 4.16 -25.20 0.07
C VAL A 47 3.92 -26.04 -1.18
N PHE A 48 3.55 -25.39 -2.29
CA PHE A 48 3.17 -26.11 -3.50
C PHE A 48 3.43 -25.31 -4.73
N THR A 49 3.40 -25.98 -5.88
CA THR A 49 3.75 -25.38 -7.14
C THR A 49 2.56 -25.48 -7.97
N LEU A 50 2.39 -24.43 -8.74
CA LEU A 50 1.44 -24.30 -9.81
C LEU A 50 2.29 -24.11 -11.03
N TYR A 51 1.82 -24.62 -12.17
CA TYR A 51 2.41 -24.30 -13.43
C TYR A 51 1.43 -23.62 -14.29
N PHE A 52 1.89 -22.72 -15.15
CA PHE A 52 1.05 -22.10 -16.17
C PHE A 52 1.68 -22.32 -17.52
N GLY A 53 1.23 -23.39 -18.18
CA GLY A 53 1.98 -23.95 -19.27
C GLY A 53 3.22 -24.48 -18.60
N LEU A 54 4.37 -23.91 -18.95
CA LEU A 54 5.67 -24.34 -18.39
C LEU A 54 6.24 -23.40 -17.28
N LYS A 55 5.69 -22.19 -17.10
CA LYS A 55 6.12 -21.22 -16.06
C LYS A 55 5.58 -21.63 -14.68
N PRO A 56 6.48 -22.16 -13.79
CA PRO A 56 6.10 -22.54 -12.44
C PRO A 56 6.05 -21.34 -11.42
N ILE A 57 5.23 -21.49 -10.37
CA ILE A 57 5.06 -20.46 -9.33
C ILE A 57 4.99 -21.23 -8.03
N VAL A 58 5.93 -20.96 -7.14
CA VAL A 58 5.93 -21.61 -5.85
C VAL A 58 5.10 -20.73 -4.89
N VAL A 59 4.05 -21.31 -4.33
CA VAL A 59 3.15 -20.66 -3.36
C VAL A 59 3.47 -21.03 -1.95
N LEU A 60 3.55 -20.01 -1.09
CA LEU A 60 3.81 -20.14 0.32
C LEU A 60 2.57 -19.76 1.13
N HIS A 61 2.08 -20.70 1.91
CA HIS A 61 0.78 -20.52 2.57
C HIS A 61 0.96 -20.85 4.03
N GLY A 62 0.45 -20.02 4.91
CA GLY A 62 0.64 -20.19 6.34
C GLY A 62 1.83 -19.43 6.87
N TYR A 63 1.70 -18.96 8.07
CA TYR A 63 2.73 -18.16 8.73
C TYR A 63 4.11 -18.84 8.80
N GLU A 64 4.17 -20.13 9.12
CA GLU A 64 5.50 -20.79 9.27
C GLU A 64 6.27 -20.83 8.00
N ALA A 65 5.57 -21.02 6.88
CA ALA A 65 6.18 -21.00 5.56
C ALA A 65 6.64 -19.62 5.08
N VAL A 66 5.83 -18.59 5.36
CA VAL A 66 6.15 -17.20 4.97
C VAL A 66 7.31 -16.68 5.78
N LYS A 67 7.29 -16.93 7.08
CA LYS A 67 8.38 -16.55 7.96
C LYS A 67 9.69 -17.21 7.61
N GLU A 68 9.70 -18.55 7.56
CA GLU A 68 10.93 -19.28 7.21
C GLU A 68 11.53 -18.71 5.93
N ALA A 69 10.69 -18.32 4.98
CA ALA A 69 11.22 -17.95 3.69
C ALA A 69 11.62 -16.46 3.65
N LEU A 70 10.61 -15.59 3.75
CA LEU A 70 10.77 -14.11 3.75
C LEU A 70 11.60 -13.55 4.87
N ILE A 71 11.49 -14.08 6.08
CA ILE A 71 12.30 -13.62 7.18
C ILE A 71 13.57 -14.40 7.43
N ASP A 72 13.51 -15.70 7.59
CA ASP A 72 14.75 -16.48 7.92
C ASP A 72 15.63 -16.68 6.70
N LEU A 73 15.11 -16.54 5.49
CA LEU A 73 16.01 -16.59 4.33
C LEU A 73 15.75 -15.37 3.51
N GLY A 74 15.76 -14.21 4.17
CA GLY A 74 15.30 -12.99 3.51
C GLY A 74 16.01 -12.57 2.24
N GLU A 75 17.33 -12.78 2.19
CA GLU A 75 18.09 -12.38 1.03
C GLU A 75 17.67 -13.22 -0.15
N GLU A 76 17.49 -14.52 0.07
CA GLU A 76 17.25 -15.45 -1.04
C GLU A 76 15.87 -15.16 -1.63
N PHE A 77 14.93 -14.71 -0.79
CA PHE A 77 13.57 -14.49 -1.23
C PHE A 77 13.19 -13.02 -1.47
N SER A 78 14.17 -12.10 -1.54
CA SER A 78 13.96 -10.69 -1.81
C SER A 78 13.90 -10.25 -3.25
N GLY A 79 13.87 -11.19 -4.19
CA GLY A 79 13.69 -10.79 -5.56
C GLY A 79 12.26 -10.42 -5.88
N ARG A 80 12.11 -9.72 -7.00
CA ARG A 80 10.83 -9.29 -7.51
C ARG A 80 10.51 -10.05 -8.80
N GLY A 81 9.29 -10.61 -8.85
CA GLY A 81 8.69 -11.22 -10.04
C GLY A 81 8.59 -10.30 -11.22
N ILE A 82 9.13 -10.76 -12.35
CA ILE A 82 9.08 -10.08 -13.66
C ILE A 82 7.70 -9.49 -14.05
N LEU A 85 3.84 -9.11 -17.54
CA LEU A 85 4.52 -8.59 -18.72
C LEU A 85 5.74 -7.83 -18.24
N ALA A 86 6.63 -7.47 -19.16
CA ALA A 86 7.92 -6.81 -18.83
C ALA A 86 7.88 -5.27 -19.01
N GLU A 87 7.09 -4.85 -20.00
CA GLU A 87 6.92 -3.43 -20.38
C GLU A 87 8.22 -2.93 -21.02
N ARG A 88 8.17 -2.51 -22.28
CA ARG A 88 9.31 -1.78 -22.85
C ARG A 88 9.22 -0.35 -22.30
N ALA A 89 8.06 -0.06 -21.69
CA ALA A 89 7.89 1.02 -20.68
C ALA A 89 9.13 1.13 -19.81
N ASN A 90 9.73 -0.03 -19.55
CA ASN A 90 11.04 -0.06 -18.91
C ASN A 90 11.04 0.63 -17.55
N ARG A 91 10.28 0.01 -16.65
CA ARG A 91 9.97 0.58 -15.37
C ARG A 91 10.78 -0.12 -14.28
N GLY A 92 11.77 -0.90 -14.70
CA GLY A 92 12.65 -1.65 -13.81
C GLY A 92 13.77 -0.83 -13.22
N PHE A 93 13.68 0.48 -13.30
CA PHE A 93 14.78 1.29 -12.84
C PHE A 93 14.47 1.98 -11.52
N GLY A 94 13.29 1.77 -10.94
CA GLY A 94 12.96 2.38 -9.63
C GLY A 94 13.12 1.40 -8.47
N ILE A 95 12.06 1.26 -7.66
CA ILE A 95 12.10 0.33 -6.52
C ILE A 95 11.20 -0.91 -6.71
N VAL A 96 9.97 -0.67 -7.18
CA VAL A 96 8.87 -1.71 -7.23
C VAL A 96 9.29 -2.86 -8.16
N PHE A 97 9.91 -2.52 -9.29
CA PHE A 97 10.14 -3.49 -10.35
C PHE A 97 11.58 -3.84 -10.51
N SER A 98 12.45 -3.29 -9.65
CA SER A 98 13.86 -3.51 -9.78
C SER A 98 14.32 -4.67 -9.01
N ASN A 99 15.53 -5.10 -9.37
CA ASN A 99 16.16 -6.25 -8.78
C ASN A 99 17.61 -5.94 -8.63
N GLY A 100 18.30 -6.84 -7.93
CA GLY A 100 19.73 -6.83 -7.78
C GLY A 100 20.32 -5.65 -7.04
N LYS A 101 21.50 -5.25 -7.49
CA LYS A 101 22.27 -4.22 -6.84
C LYS A 101 21.56 -2.88 -6.84
N LYS A 102 20.97 -2.57 -7.99
CA LYS A 102 20.15 -1.41 -8.19
C LYS A 102 19.00 -1.26 -7.17
N TRP A 103 18.17 -2.28 -7.02
CA TRP A 103 17.08 -2.28 -6.07
C TRP A 103 17.67 -2.00 -4.73
N LYS A 104 18.77 -2.63 -4.41
CA LYS A 104 19.30 -2.58 -3.07
C LYS A 104 19.68 -1.19 -2.61
N GLU A 105 20.42 -0.50 -3.44
CA GLU A 105 20.85 0.89 -3.13
C GLU A 105 19.73 1.91 -3.21
N ILE A 106 18.84 1.76 -4.19
CA ILE A 106 17.72 2.67 -4.32
C ILE A 106 16.72 2.45 -3.20
N ARG A 107 16.59 1.22 -2.73
CA ARG A 107 15.64 0.98 -1.70
C ARG A 107 16.17 1.56 -0.40
N ARG A 108 17.43 1.28 -0.11
CA ARG A 108 18.07 1.81 1.06
C ARG A 108 18.01 3.34 1.14
N PHE A 109 18.43 3.99 0.07
CA PHE A 109 18.35 5.41 -0.07
C PHE A 109 16.96 5.93 0.14
N SER A 110 15.97 5.26 -0.43
CA SER A 110 14.59 5.71 -0.26
C SER A 110 14.10 5.58 1.16
N LEU A 111 14.45 4.47 1.79
CA LEU A 111 14.04 4.25 3.15
C LEU A 111 14.45 5.42 4.05
N MET A 112 15.69 5.85 3.91
CA MET A 112 16.26 6.78 4.89
C MET A 112 15.77 8.19 4.65
N THR A 113 15.53 8.50 3.37
CA THR A 113 14.96 9.76 2.97
C THR A 113 13.52 9.88 3.54
N LEU A 114 12.75 8.80 3.40
CA LEU A 114 11.46 8.70 4.03
C LEU A 114 11.49 8.68 5.58
N ARG A 115 12.64 8.44 6.20
CA ARG A 115 12.74 8.63 7.64
C ARG A 115 13.43 9.91 8.03
N ASN A 116 13.24 10.96 7.23
CA ASN A 116 13.83 12.30 7.46
C ASN A 116 15.34 12.39 7.52
N PHE A 117 16.04 11.69 6.62
CA PHE A 117 17.49 11.84 6.46
C PHE A 117 17.82 12.40 5.12
N GLY A 118 18.46 13.55 5.12
CA GLY A 118 18.93 14.16 3.89
C GLY A 118 17.93 15.08 3.22
N MET A 119 16.82 15.39 3.92
CA MET A 119 15.64 16.07 3.34
C MET A 119 15.24 17.36 4.03
N GLY A 120 16.20 18.03 4.63
CA GLY A 120 15.85 19.24 5.38
C GLY A 120 15.11 18.96 6.66
N LYS A 121 14.71 20.03 7.32
CA LYS A 121 14.29 19.94 8.70
C LYS A 121 12.80 19.77 8.89
N ARG A 122 12.02 19.84 7.79
CA ARG A 122 10.59 19.69 7.95
C ARG A 122 10.33 18.20 8.06
N SER A 123 9.44 17.81 8.94
CA SER A 123 9.25 16.39 9.16
C SER A 123 8.16 15.88 8.24
N ILE A 124 8.15 14.58 8.09
CA ILE A 124 7.09 13.90 7.42
C ILE A 124 5.76 14.09 8.14
N GLU A 125 5.79 13.97 9.46
CA GLU A 125 4.58 14.10 10.26
C GLU A 125 3.84 15.39 9.95
N ASP A 126 4.64 16.45 9.90
CA ASP A 126 4.21 17.83 9.61
C ASP A 126 3.45 17.91 8.33
N ARG A 127 3.98 17.23 7.32
CA ARG A 127 3.33 17.17 6.02
C ARG A 127 1.98 16.49 6.13
N VAL A 128 1.95 15.41 6.89
CA VAL A 128 0.74 14.62 7.00
C VAL A 128 -0.26 15.43 7.83
N GLN A 129 0.22 16.09 8.89
CA GLN A 129 -0.71 16.94 9.68
C GLN A 129 -1.35 18.11 8.91
N GLU A 130 -0.55 18.79 8.10
CA GLU A 130 -1.07 19.82 7.19
C GLU A 130 -2.15 19.29 6.28
N GLU A 131 -1.96 18.07 5.76
CA GLU A 131 -2.94 17.54 4.86
C GLU A 131 -4.17 17.13 5.61
N ALA A 132 -4.02 16.67 6.87
CA ALA A 132 -5.17 16.28 7.65
C ALA A 132 -6.12 17.51 7.83
N ARG A 133 -5.52 18.67 8.14
CA ARG A 133 -6.26 19.95 8.17
C ARG A 133 -6.97 20.31 6.90
N CYS A 134 -6.34 20.11 5.73
CA CYS A 134 -7.03 20.40 4.46
C CYS A 134 -8.07 19.38 4.18
N LEU A 135 -7.81 18.14 4.57
CA LEU A 135 -8.76 17.10 4.28
C LEU A 135 -10.06 17.41 5.02
N VAL A 136 -9.94 17.90 6.25
CA VAL A 136 -11.12 18.22 7.04
C VAL A 136 -11.82 19.47 6.49
N GLU A 137 -11.04 20.45 6.04
CA GLU A 137 -11.62 21.60 5.33
C GLU A 137 -12.48 21.22 4.12
N GLU A 138 -11.96 20.38 3.23
CA GLU A 138 -12.72 19.88 2.10
C GLU A 138 -13.97 19.10 2.50
N LEU A 139 -13.82 18.26 3.53
CA LEU A 139 -14.97 17.50 4.04
C LEU A 139 -16.14 18.40 4.52
N ARG A 140 -15.80 19.53 5.12
CA ARG A 140 -16.78 20.59 5.44
C ARG A 140 -17.53 21.07 4.16
N LYS A 141 -16.80 21.30 3.07
CA LYS A 141 -17.43 21.83 1.84
C LYS A 141 -18.54 20.97 1.20
N THR A 142 -18.60 19.68 1.55
CA THR A 142 -19.73 18.84 1.17
C THR A 142 -21.06 19.17 1.95
N LYS A 143 -20.95 20.05 2.96
CA LYS A 143 -22.10 20.63 3.67
C LYS A 143 -23.03 19.62 4.28
N ALA A 144 -22.51 18.50 4.75
CA ALA A 144 -23.34 17.47 5.35
C ALA A 144 -24.28 16.81 4.36
N SER A 145 -24.02 16.98 3.06
CA SER A 145 -24.86 16.37 2.03
C SER A 145 -24.20 15.09 1.53
N PRO A 146 -25.00 14.10 1.03
CA PRO A 146 -24.48 12.80 0.59
C PRO A 146 -23.30 12.91 -0.39
N CYS A 147 -22.31 12.04 -0.23
CA CYS A 147 -20.97 12.19 -0.82
C CYS A 147 -20.36 10.80 -1.09
N ASP A 148 -19.88 10.56 -2.30
CA ASP A 148 -18.93 9.47 -2.56
C ASP A 148 -17.48 9.96 -2.21
N PRO A 149 -16.87 9.39 -1.15
CA PRO A 149 -15.58 9.91 -0.64
C PRO A 149 -14.36 9.57 -1.51
N THR A 150 -14.54 8.72 -2.50
CA THR A 150 -13.44 8.30 -3.36
C THR A 150 -12.44 9.38 -3.72
N PHE A 151 -12.94 10.49 -4.27
CA PHE A 151 -12.08 11.55 -4.75
C PHE A 151 -11.39 12.29 -3.64
N ILE A 152 -12.12 12.67 -2.64
CA ILE A 152 -11.43 13.46 -1.63
C ILE A 152 -10.32 12.65 -0.91
N LEU A 153 -10.62 11.39 -0.58
CA LEU A 153 -9.69 10.49 0.09
C LEU A 153 -8.51 10.10 -0.75
N GLY A 154 -8.65 10.10 -2.09
CA GLY A 154 -7.52 10.05 -3.02
C GLY A 154 -6.51 11.18 -2.95
N CYS A 155 -7.00 12.42 -2.83
CA CYS A 155 -6.17 13.61 -2.93
C CYS A 155 -5.22 13.82 -1.74
N ALA A 156 -5.68 13.55 -0.52
CA ALA A 156 -4.83 13.67 0.65
C ALA A 156 -3.53 12.85 0.55
N PRO A 157 -3.59 11.52 0.37
CA PRO A 157 -2.29 10.78 0.28
C PRO A 157 -1.43 11.25 -0.91
N CYS A 158 -2.09 11.56 -2.02
CA CYS A 158 -1.40 12.05 -3.20
C CYS A 158 -0.64 13.30 -2.90
N ASN A 159 -1.23 14.24 -2.16
CA ASN A 159 -0.47 15.43 -1.76
C ASN A 159 0.66 15.26 -0.79
N VAL A 160 0.48 14.34 0.17
CA VAL A 160 1.57 14.04 1.05
C VAL A 160 2.75 13.61 0.18
N ILE A 161 2.53 12.70 -0.76
CA ILE A 161 3.67 12.27 -1.60
C ILE A 161 4.21 13.44 -2.49
N CYS A 162 3.31 14.28 -3.00
CA CYS A 162 3.77 15.40 -3.85
C CYS A 162 4.65 16.27 -3.06
N SER A 163 4.23 16.47 -1.84
CA SER A 163 5.01 17.31 -0.96
C SER A 163 6.37 16.73 -0.64
N ILE A 164 6.43 15.43 -0.42
CA ILE A 164 7.70 14.80 -0.11
C ILE A 164 8.66 14.84 -1.28
N ILE A 165 8.13 14.59 -2.46
CA ILE A 165 8.99 14.44 -3.64
C ILE A 165 9.35 15.82 -4.26
N PHE A 166 8.35 16.74 -4.36
CA PHE A 166 8.55 18.09 -5.02
C PHE A 166 8.46 19.26 -4.13
N HIS A 167 7.97 19.11 -2.91
CA HIS A 167 7.82 20.20 -1.98
C HIS A 167 6.59 21.04 -2.33
N LYS A 168 5.59 20.41 -2.94
CA LYS A 168 4.42 21.12 -3.34
C LYS A 168 3.19 20.35 -2.98
N ARG A 169 2.20 21.08 -2.49
CA ARG A 169 0.89 20.55 -2.38
C ARG A 169 -0.03 21.43 -3.22
N PHE A 170 -1.24 20.94 -3.47
CA PHE A 170 -2.12 21.52 -4.49
C PHE A 170 -3.51 21.71 -3.89
N ASP A 171 -4.27 22.65 -4.43
CA ASP A 171 -5.68 22.73 -4.10
C ASP A 171 -6.35 21.54 -4.78
N TYR A 172 -7.51 21.09 -4.31
CA TYR A 172 -8.12 19.88 -4.87
C TYR A 172 -8.79 20.11 -6.23
N LYS A 173 -8.88 21.39 -6.65
CA LYS A 173 -9.45 21.80 -7.95
C LYS A 173 -8.40 22.12 -9.04
N ASP A 174 -7.16 22.35 -8.60
CA ASP A 174 -6.04 22.56 -9.51
C ASP A 174 -5.95 21.51 -10.63
N GLN A 175 -5.88 21.97 -11.88
CA GLN A 175 -6.05 21.07 -13.02
C GLN A 175 -4.79 20.24 -13.23
N GLN A 176 -3.66 20.74 -12.78
CA GLN A 176 -2.41 20.00 -12.81
C GLN A 176 -2.45 18.79 -11.89
N PHE A 177 -2.93 19.04 -10.68
CA PHE A 177 -3.08 17.96 -9.70
C PHE A 177 -4.13 16.95 -10.18
N LEU A 178 -5.23 17.46 -10.75
CA LEU A 178 -6.29 16.59 -11.28
C LEU A 178 -5.78 15.66 -12.37
N ASN A 179 -4.98 16.18 -13.30
CA ASN A 179 -4.41 15.37 -14.37
C ASN A 179 -3.51 14.26 -13.89
N LEU A 180 -2.67 14.58 -12.92
CA LEU A 180 -1.77 13.61 -12.36
C LEU A 180 -2.53 12.40 -11.85
N MET A 181 -3.51 12.65 -10.98
CA MET A 181 -4.38 11.62 -10.37
C MET A 181 -5.16 10.78 -11.39
N GLU A 182 -5.73 11.45 -12.40
CA GLU A 182 -6.45 10.78 -13.50
C GLU A 182 -5.58 9.74 -14.20
N LYS A 183 -4.37 10.16 -14.59
CA LYS A 183 -3.43 9.27 -15.27
C LYS A 183 -3.04 8.10 -14.37
N LEU A 184 -2.85 8.41 -13.09
CA LEU A 184 -2.56 7.39 -12.06
C LEU A 184 -3.69 6.37 -11.93
N ASN A 185 -4.91 6.87 -11.74
CA ASN A 185 -6.08 5.99 -11.61
C ASN A 185 -6.24 5.08 -12.84
N GLU A 186 -6.07 5.68 -14.02
CA GLU A 186 -6.11 4.95 -15.29
C GLU A 186 -5.13 3.78 -15.34
N ASN A 187 -3.84 4.02 -15.10
CA ASN A 187 -2.86 2.92 -15.11
C ASN A 187 -3.18 1.85 -14.08
N ILE A 188 -3.53 2.29 -12.88
CA ILE A 188 -4.03 1.37 -11.86
C ILE A 188 -5.18 0.48 -12.35
N LYS A 189 -6.25 1.08 -12.84
CA LYS A 189 -7.41 0.31 -13.30
C LYS A 189 -6.98 -0.70 -14.32
N ILE A 190 -6.11 -0.27 -15.23
CA ILE A 190 -5.68 -1.14 -16.35
C ILE A 190 -5.04 -2.36 -15.78
N LEU A 191 -4.02 -2.13 -14.96
CA LEU A 191 -3.16 -3.20 -14.43
C LEU A 191 -3.78 -4.18 -13.43
N SER A 192 -4.84 -3.79 -12.75
CA SER A 192 -5.39 -4.69 -11.75
C SER A 192 -6.67 -5.32 -12.31
N SER A 193 -6.75 -5.49 -13.63
CA SER A 193 -8.01 -5.98 -14.25
C SER A 193 -8.18 -7.45 -13.93
N PRO A 194 -9.41 -7.92 -13.84
CA PRO A 194 -9.57 -9.33 -13.51
C PRO A 194 -9.06 -10.27 -14.59
N TRP A 195 -8.97 -11.57 -14.27
CA TRP A 195 -8.55 -12.63 -15.22
C TRP A 195 -9.77 -13.38 -15.82
N ILE A 196 -9.52 -14.21 -16.84
CA ILE A 196 -10.48 -15.23 -17.33
C ILE A 196 -9.77 -16.49 -17.82
N PRO A 204 -5.04 -18.38 -16.57
CA PRO A 204 -5.38 -18.32 -17.99
C PRO A 204 -4.82 -17.07 -18.64
N ILE A 205 -5.51 -15.94 -18.54
CA ILE A 205 -4.96 -14.70 -19.09
C ILE A 205 -5.62 -13.51 -18.42
N ILE A 206 -4.94 -12.38 -18.50
CA ILE A 206 -5.42 -11.12 -17.98
C ILE A 206 -6.48 -10.49 -18.92
N ASP A 207 -7.61 -10.08 -18.35
CA ASP A 207 -8.74 -9.53 -19.12
C ASP A 207 -8.35 -8.50 -20.20
N TYR A 208 -7.21 -7.85 -20.02
CA TYR A 208 -6.94 -6.66 -20.82
C TYR A 208 -6.01 -6.84 -22.01
N PHE A 209 -6.31 -6.01 -23.01
CA PHE A 209 -5.77 -6.06 -24.38
C PHE A 209 -6.54 -5.13 -25.37
N PRO A 210 -7.91 -5.00 -25.28
CA PRO A 210 -8.66 -4.05 -26.15
C PRO A 210 -7.86 -2.95 -26.94
N GLY A 211 -7.57 -1.79 -26.33
CA GLY A 211 -6.63 -0.79 -26.88
C GLY A 211 -5.84 -0.14 -25.76
N THR A 212 -5.42 -0.97 -24.80
CA THR A 212 -5.12 -0.52 -23.43
C THR A 212 -3.63 -0.46 -23.11
N HIS A 213 -2.88 -1.44 -23.59
CA HIS A 213 -1.43 -1.44 -23.48
C HIS A 213 -0.90 -0.07 -23.90
N ASN A 214 -1.41 0.49 -24.98
CA ASN A 214 -0.97 1.82 -25.44
C ASN A 214 -1.40 3.00 -24.57
N LYS A 215 -2.62 2.99 -24.05
CA LYS A 215 -2.98 4.04 -23.08
C LYS A 215 -2.05 3.99 -21.85
N LEU A 216 -1.66 2.79 -21.43
CA LEU A 216 -0.71 2.64 -20.34
C LEU A 216 0.55 3.42 -20.69
N LEU A 217 1.21 3.00 -21.76
CA LEU A 217 2.51 3.54 -22.17
C LEU A 217 2.44 5.02 -22.38
N LYS A 218 1.34 5.51 -22.89
CA LYS A 218 1.29 6.93 -23.10
C LYS A 218 1.38 7.61 -21.74
N ASN A 219 0.36 7.43 -20.89
CA ASN A 219 0.32 7.93 -19.47
C ASN A 219 1.66 7.85 -18.68
N VAL A 220 2.33 6.71 -18.82
CA VAL A 220 3.64 6.48 -18.22
C VAL A 220 4.57 7.56 -18.75
N ALA A 221 4.59 7.75 -20.07
CA ALA A 221 5.43 8.78 -20.67
C ALA A 221 5.06 10.17 -20.20
N PHE A 222 3.77 10.43 -20.09
CA PHE A 222 3.35 11.73 -19.56
C PHE A 222 3.75 11.93 -18.07
N MET A 223 3.60 10.90 -17.23
CA MET A 223 4.04 11.05 -15.80
C MET A 223 5.55 11.30 -15.72
N LYS A 224 6.36 10.51 -16.44
CA LYS A 224 7.81 10.64 -16.36
C LYS A 224 8.28 12.05 -16.87
N SER A 225 7.65 12.56 -17.92
CA SER A 225 7.96 13.91 -18.38
C SER A 225 7.60 15.02 -17.35
N TYR A 226 6.46 14.86 -16.67
CA TYR A 226 6.05 15.83 -15.63
C TYR A 226 7.04 15.89 -14.46
N ILE A 227 7.53 14.74 -14.05
CA ILE A 227 8.55 14.67 -13.00
C ILE A 227 9.86 15.25 -13.53
N LEU A 228 10.17 15.01 -14.81
CA LEU A 228 11.48 15.42 -15.30
C LEU A 228 11.50 16.95 -15.42
N GLU A 229 10.35 17.52 -15.70
CA GLU A 229 10.21 18.95 -15.70
C GLU A 229 10.51 19.52 -14.31
N LYS A 230 9.97 18.89 -13.26
CA LYS A 230 10.23 19.34 -11.88
C LYS A 230 11.68 19.18 -11.54
N VAL A 231 12.29 18.13 -12.05
CA VAL A 231 13.68 17.85 -11.74
C VAL A 231 14.56 18.94 -12.34
N LYS A 232 14.20 19.44 -13.53
CA LYS A 232 14.97 20.51 -14.20
C LYS A 232 15.01 21.80 -13.40
N GLU A 233 13.87 22.19 -12.84
CA GLU A 233 13.75 23.32 -11.92
C GLU A 233 14.64 23.14 -10.69
N HIS A 234 14.75 21.89 -10.17
CA HIS A 234 15.41 21.67 -8.90
C HIS A 234 16.89 21.80 -9.15
N GLN A 235 17.32 21.40 -10.35
CA GLN A 235 18.73 21.46 -10.75
C GLN A 235 19.28 22.87 -10.80
N GLU A 236 18.44 23.84 -11.15
CA GLU A 236 18.84 25.25 -11.11
C GLU A 236 19.32 25.65 -9.71
N SER A 237 18.40 25.65 -8.76
CA SER A 237 18.70 26.13 -7.42
C SER A 237 19.31 25.04 -6.52
N MET A 238 20.21 24.22 -7.06
CA MET A 238 20.77 23.11 -6.26
C MET A 238 21.99 23.46 -5.41
N ASP A 239 21.99 22.91 -4.20
CA ASP A 239 22.75 23.42 -3.05
C ASP A 239 22.95 22.29 -2.01
N MET A 240 24.15 21.72 -1.98
CA MET A 240 24.58 20.69 -1.01
C MET A 240 24.20 20.97 0.45
N ASN A 241 23.94 22.23 0.79
CA ASN A 241 23.62 22.55 2.18
C ASN A 241 22.12 22.73 2.42
N ASN A 242 21.31 22.68 1.35
CA ASN A 242 19.89 22.97 1.58
C ASN A 242 18.88 22.02 0.94
N PRO A 243 19.10 20.67 1.04
CA PRO A 243 18.04 19.84 0.46
C PRO A 243 16.72 19.93 1.22
N GLN A 244 15.62 19.89 0.51
CA GLN A 244 14.34 20.00 1.14
C GLN A 244 13.31 19.00 0.62
N ASP A 245 13.67 18.14 -0.32
CA ASP A 245 12.70 17.13 -0.72
C ASP A 245 13.47 16.00 -1.36
N PHE A 246 12.76 15.01 -1.88
CA PHE A 246 13.39 13.77 -2.38
C PHE A 246 14.26 14.03 -3.57
N ILE A 247 13.79 14.87 -4.48
CA ILE A 247 14.55 15.16 -5.71
C ILE A 247 15.90 15.80 -5.36
N ASP A 248 15.91 16.80 -4.47
CA ASP A 248 17.18 17.41 -4.04
C ASP A 248 18.10 16.39 -3.43
N CYS A 249 17.55 15.58 -2.52
CA CYS A 249 18.32 14.59 -1.80
C CYS A 249 18.91 13.60 -2.83
N PHE A 250 18.07 13.11 -3.74
CA PHE A 250 18.55 12.28 -4.84
C PHE A 250 19.57 13.01 -5.77
N LEU A 251 19.29 14.28 -6.12
CA LEU A 251 20.27 15.05 -6.91
C LEU A 251 21.63 15.20 -6.24
N MET A 252 21.63 15.39 -4.94
CA MET A 252 22.84 15.55 -4.19
C MET A 252 23.61 14.23 -3.92
N LYS A 253 22.92 13.10 -4.05
CA LYS A 253 23.56 11.80 -3.93
C LYS A 253 24.30 11.46 -5.24
N MET A 254 23.70 11.82 -6.37
CA MET A 254 24.36 11.76 -7.66
C MET A 254 25.66 12.59 -7.66
N GLU A 255 25.59 13.79 -7.13
CA GLU A 255 26.78 14.60 -6.86
C GLU A 255 27.92 13.79 -6.25
N LYS A 256 27.71 13.25 -5.05
CA LYS A 256 28.71 12.44 -4.39
C LYS A 256 29.03 11.13 -5.12
N GLU A 257 28.21 10.72 -6.09
CA GLU A 257 28.47 9.44 -6.76
C GLU A 257 29.13 9.58 -8.16
N LYS A 258 29.54 10.79 -8.53
CA LYS A 258 30.39 10.96 -9.72
C LYS A 258 31.77 10.41 -9.39
N HIS A 259 32.55 10.10 -10.42
CA HIS A 259 33.79 9.33 -10.25
C HIS A 259 33.46 8.05 -9.47
N ASN A 260 32.22 7.59 -9.60
CA ASN A 260 31.85 6.28 -9.13
C ASN A 260 30.97 5.62 -10.17
N GLN A 261 31.30 5.92 -11.44
CA GLN A 261 30.59 5.41 -12.60
C GLN A 261 30.83 3.92 -12.70
N PRO A 262 29.80 3.14 -13.08
CA PRO A 262 28.43 3.52 -13.46
C PRO A 262 27.47 3.50 -12.26
N SER A 263 26.95 4.66 -11.86
CA SER A 263 26.14 4.73 -10.65
C SER A 263 24.74 4.18 -10.89
N GLU A 264 24.12 3.72 -9.81
CA GLU A 264 22.73 3.31 -9.83
C GLU A 264 21.81 4.53 -9.81
N PHE A 265 22.37 5.64 -9.36
CA PHE A 265 21.65 6.91 -9.24
C PHE A 265 21.78 7.69 -10.50
N THR A 266 20.69 7.76 -11.28
CA THR A 266 20.69 8.49 -12.58
C THR A 266 19.43 9.28 -12.66
N ILE A 267 19.33 10.13 -13.67
CA ILE A 267 18.10 10.87 -13.88
C ILE A 267 16.94 9.90 -14.22
N GLU A 268 17.26 8.91 -15.02
CA GLU A 268 16.33 7.84 -15.40
C GLU A 268 15.75 7.08 -14.19
N SER A 269 16.60 6.72 -13.22
CA SER A 269 16.14 6.00 -12.04
C SER A 269 15.46 6.91 -10.96
N LEU A 270 15.80 8.19 -10.98
CA LEU A 270 15.12 9.17 -10.10
C LEU A 270 13.70 9.36 -10.52
N GLU A 271 13.53 9.50 -11.81
CA GLU A 271 12.25 9.53 -12.47
C GLU A 271 11.39 8.27 -12.21
N ASN A 272 11.97 7.10 -12.39
CA ASN A 272 11.29 5.84 -12.11
C ASN A 272 10.92 5.62 -10.60
N THR A 273 11.85 5.93 -9.72
CA THR A 273 11.64 5.87 -8.29
C THR A 273 10.52 6.80 -7.86
N ALA A 274 10.51 8.04 -8.32
CA ALA A 274 9.44 8.98 -7.97
C ALA A 274 8.08 8.54 -8.45
N VAL A 275 8.03 7.89 -9.60
CA VAL A 275 6.80 7.38 -10.08
C VAL A 275 6.30 6.16 -9.26
N ASP A 276 7.19 5.26 -8.97
CA ASP A 276 6.86 4.17 -8.07
C ASP A 276 6.23 4.74 -6.77
N LEU A 277 6.78 5.82 -6.23
CA LEU A 277 6.35 6.31 -4.93
C LEU A 277 5.02 7.01 -5.02
N PHE A 278 4.80 7.78 -6.08
CA PHE A 278 3.46 8.30 -6.38
C PHE A 278 2.38 7.33 -6.44
N GLY A 279 2.63 6.31 -7.22
CA GLY A 279 1.67 5.30 -7.44
C GLY A 279 1.44 4.55 -6.15
N ALA A 280 2.44 3.75 -5.70
CA ALA A 280 2.32 2.90 -4.54
C ALA A 280 1.80 3.64 -3.34
N GLY A 281 2.17 4.89 -3.23
CA GLY A 281 1.79 5.68 -2.09
C GLY A 281 0.41 6.27 -2.06
N THR A 282 -0.16 6.52 -3.25
CA THR A 282 -1.47 7.17 -3.35
C THR A 282 -2.58 6.14 -3.26
N GLU A 283 -2.54 5.07 -4.06
CA GLU A 283 -3.67 4.12 -4.11
C GLU A 283 -3.94 3.22 -2.93
N THR A 284 -2.86 2.72 -2.32
CA THR A 284 -3.03 1.75 -1.26
C THR A 284 -3.68 2.43 -0.05
N THR A 285 -3.22 3.63 0.29
CA THR A 285 -3.71 4.40 1.43
C THR A 285 -5.09 4.90 1.14
N SER A 286 -5.31 5.44 -0.08
CA SER A 286 -6.69 5.86 -0.47
C SER A 286 -7.77 4.82 -0.27
N THR A 287 -7.48 3.64 -0.76
CA THR A 287 -8.37 2.54 -0.70
C THR A 287 -8.53 2.05 0.72
N THR A 288 -7.43 1.97 1.50
CA THR A 288 -7.58 1.60 2.91
C THR A 288 -8.50 2.61 3.68
N LEU A 289 -8.28 3.90 3.48
CA LEU A 289 -9.14 4.91 4.11
C LEU A 289 -10.59 4.77 3.70
N ARG A 290 -10.86 4.58 2.43
CA ARG A 290 -12.23 4.38 1.99
C ARG A 290 -12.85 3.13 2.54
N TYR A 291 -12.08 2.04 2.63
CA TYR A 291 -12.56 0.84 3.28
C TYR A 291 -12.81 1.07 4.83
N ALA A 292 -11.99 1.87 5.49
CA ALA A 292 -12.10 2.07 6.92
C ALA A 292 -13.39 2.84 7.21
N LEU A 293 -13.73 3.83 6.37
CA LEU A 293 -15.01 4.54 6.57
C LEU A 293 -16.19 3.65 6.37
N LEU A 294 -16.13 2.73 5.40
CA LEU A 294 -17.22 1.79 5.22
C LEU A 294 -17.47 0.89 6.43
N LEU A 295 -16.39 0.36 7.00
CA LEU A 295 -16.50 -0.49 8.17
C LEU A 295 -17.00 0.32 9.39
N LEU A 296 -16.56 1.58 9.51
CA LEU A 296 -17.04 2.42 10.63
C LEU A 296 -18.56 2.75 10.54
N LEU A 297 -19.09 2.87 9.32
CA LEU A 297 -20.53 3.05 9.09
C LEU A 297 -21.27 1.82 9.46
N LYS A 298 -20.71 0.66 9.11
CA LYS A 298 -21.36 -0.61 9.44
C LYS A 298 -21.30 -1.04 10.95
N HIS A 299 -20.37 -0.50 11.73
CA HIS A 299 -20.16 -0.86 13.15
C HIS A 299 -20.11 0.45 13.96
N PRO A 300 -21.28 1.06 14.14
CA PRO A 300 -21.39 2.34 14.86
C PRO A 300 -20.99 2.30 16.31
N GLU A 301 -21.09 1.14 16.97
CA GLU A 301 -20.63 1.09 18.38
C GLU A 301 -19.11 1.15 18.47
N VAL A 302 -18.42 0.73 17.39
CA VAL A 302 -16.96 0.84 17.32
C VAL A 302 -16.58 2.31 17.11
N THR A 303 -17.23 2.97 16.20
CA THR A 303 -16.97 4.37 15.92
C THR A 303 -17.14 5.22 17.16
N ALA A 304 -18.19 4.95 17.95
CA ALA A 304 -18.46 5.73 19.22
C ALA A 304 -17.34 5.63 20.21
N LYS A 305 -16.82 4.43 20.43
CA LYS A 305 -15.67 4.25 21.35
C LYS A 305 -14.45 4.88 20.82
N VAL A 306 -14.31 4.90 19.49
CA VAL A 306 -13.20 5.68 18.91
C VAL A 306 -13.38 7.15 19.20
N GLN A 307 -14.60 7.65 18.95
CA GLN A 307 -14.83 9.08 19.20
C GLN A 307 -14.65 9.49 20.67
N GLU A 308 -15.03 8.55 21.56
CA GLU A 308 -14.83 8.73 23.05
C GLU A 308 -13.38 8.85 23.41
N GLU A 309 -12.58 7.99 22.78
CA GLU A 309 -11.17 7.94 23.11
C GLU A 309 -10.43 9.17 22.65
N ILE A 310 -10.81 9.67 21.48
CA ILE A 310 -10.26 10.90 20.88
C ILE A 310 -10.56 12.13 21.77
N GLU A 311 -11.79 12.21 22.26
CA GLU A 311 -12.19 13.25 23.23
C GLU A 311 -11.25 13.22 24.42
N ARG A 312 -11.26 12.09 25.11
CA ARG A 312 -10.48 11.86 26.34
C ARG A 312 -8.98 12.11 26.20
N VAL A 313 -8.38 11.83 25.05
CA VAL A 313 -6.93 12.01 24.89
C VAL A 313 -6.55 13.24 24.06
N ILE A 314 -7.41 13.70 23.16
CA ILE A 314 -6.98 14.77 22.26
C ILE A 314 -7.85 16.04 22.33
N GLY A 315 -9.12 15.88 22.64
CA GLY A 315 -10.12 16.97 22.51
C GLY A 315 -10.30 17.43 21.08
N ARG A 316 -11.22 18.35 20.87
CA ARG A 316 -11.49 18.95 19.53
C ARG A 316 -10.63 20.19 19.28
N ASN A 317 -9.82 20.57 20.26
CA ASN A 317 -8.95 21.73 20.12
C ASN A 317 -7.83 21.51 19.09
N ARG A 318 -6.80 20.78 19.51
CA ARG A 318 -5.63 20.56 18.68
C ARG A 318 -5.75 19.36 17.73
N SER A 319 -4.85 19.34 16.76
CA SER A 319 -4.77 18.28 15.77
C SER A 319 -4.13 17.01 16.39
N PRO A 320 -4.55 15.81 15.95
CA PRO A 320 -3.90 14.60 16.46
C PRO A 320 -2.43 14.61 16.16
N CYS A 321 -1.65 13.92 16.97
CA CYS A 321 -0.25 13.68 16.62
C CYS A 321 0.10 12.23 16.90
N MET A 322 1.25 11.76 16.42
CA MET A 322 1.64 10.34 16.59
C MET A 322 1.81 9.89 18.07
N GLN A 323 2.30 10.78 18.92
CA GLN A 323 2.46 10.48 20.36
C GLN A 323 1.12 10.14 21.08
N ASP A 324 -0.01 10.57 20.51
CA ASP A 324 -1.31 10.17 21.01
C ASP A 324 -1.58 8.66 20.87
N ARG A 325 -0.95 8.00 19.90
CA ARG A 325 -1.33 6.62 19.57
C ARG A 325 -1.10 5.65 20.73
N SER A 326 0.09 5.71 21.34
CA SER A 326 0.43 5.00 22.56
C SER A 326 -0.63 5.16 23.65
N HIS A 327 -1.30 6.31 23.71
CA HIS A 327 -2.40 6.54 24.69
C HIS A 327 -3.78 6.10 24.25
N MET A 328 -3.87 5.51 23.05
CA MET A 328 -5.16 5.24 22.44
C MET A 328 -5.20 3.78 21.91
N PRO A 329 -5.07 2.80 22.81
CA PRO A 329 -5.13 1.37 22.47
C PRO A 329 -6.32 0.95 21.65
N TYR A 330 -7.54 1.36 22.01
CA TYR A 330 -8.74 0.96 21.26
C TYR A 330 -8.68 1.42 19.78
N THR A 331 -8.35 2.69 19.60
CA THR A 331 -8.26 3.27 18.28
C THR A 331 -7.16 2.59 17.48
N ASP A 332 -6.05 2.25 18.16
CA ASP A 332 -4.92 1.59 17.55
C ASP A 332 -5.35 0.21 17.11
N ALA A 333 -6.18 -0.46 17.90
CA ALA A 333 -6.66 -1.81 17.52
C ALA A 333 -7.62 -1.75 16.31
N VAL A 334 -8.38 -0.64 16.21
CA VAL A 334 -9.31 -0.45 15.12
C VAL A 334 -8.54 -0.27 13.79
N VAL A 335 -7.52 0.54 13.78
CA VAL A 335 -6.75 0.79 12.58
C VAL A 335 -6.08 -0.48 12.16
N HIS A 336 -5.50 -1.22 13.15
CA HIS A 336 -4.94 -2.55 12.90
C HIS A 336 -5.93 -3.52 12.32
N GLU A 337 -7.10 -3.51 12.89
CA GLU A 337 -8.14 -4.45 12.48
C GLU A 337 -8.73 -4.13 11.10
N VAL A 338 -8.87 -2.85 10.75
CA VAL A 338 -9.17 -2.52 9.31
C VAL A 338 -8.16 -3.20 8.39
N GLN A 339 -6.85 -3.05 8.64
CA GLN A 339 -5.87 -3.55 7.65
C GLN A 339 -5.84 -5.06 7.65
N ARG A 340 -6.13 -5.66 8.79
CA ARG A 340 -6.07 -7.12 8.86
C ARG A 340 -7.27 -7.72 8.17
N TYR A 341 -8.41 -7.16 8.50
CA TYR A 341 -9.67 -7.63 7.95
C TYR A 341 -9.76 -7.47 6.46
N ILE A 342 -9.41 -6.29 5.98
CA ILE A 342 -9.64 -6.00 4.55
C ILE A 342 -8.68 -6.77 3.64
N ASP A 343 -7.45 -7.05 4.10
CA ASP A 343 -6.51 -7.96 3.33
C ASP A 343 -6.21 -7.36 1.95
N LEU A 344 -5.68 -6.17 2.00
CA LEU A 344 -5.71 -5.25 0.92
C LEU A 344 -5.01 -5.86 -0.31
N LEU A 345 -3.89 -6.53 -0.08
CA LEU A 345 -3.19 -7.29 -1.08
C LEU A 345 -3.00 -8.72 -0.68
N PRO A 346 -3.96 -9.53 -1.05
CA PRO A 346 -4.05 -10.89 -0.64
C PRO A 346 -2.82 -11.75 -0.98
N THR A 347 -2.19 -11.52 -2.13
CA THR A 347 -0.99 -12.22 -2.49
C THR A 347 0.19 -11.29 -2.59
N SER A 348 0.15 -10.19 -1.81
CA SER A 348 1.22 -9.22 -1.83
C SER A 348 1.51 -8.78 -3.31
N LEU A 349 2.78 -8.57 -3.68
CA LEU A 349 3.25 -8.63 -5.07
C LEU A 349 4.19 -9.82 -5.23
N PRO A 350 4.30 -10.37 -6.45
CA PRO A 350 5.14 -11.52 -6.74
C PRO A 350 6.61 -11.35 -6.36
N HIS A 351 7.14 -12.31 -5.65
CA HIS A 351 8.57 -12.33 -5.39
C HIS A 351 9.25 -13.23 -6.42
N ALA A 352 10.57 -13.35 -6.29
CA ALA A 352 11.36 -14.40 -6.98
C ALA A 352 12.58 -14.75 -6.14
N VAL A 353 13.14 -15.96 -6.28
CA VAL A 353 14.36 -16.26 -5.53
C VAL A 353 15.60 -15.66 -6.19
N THR A 354 16.53 -15.13 -5.38
CA THR A 354 17.70 -14.43 -5.94
C THR A 354 18.81 -15.39 -6.38
N CYS A 355 18.76 -16.62 -5.90
CA CYS A 355 19.76 -17.61 -6.23
C CYS A 355 19.10 -19.00 -6.07
N ASP A 356 19.84 -20.09 -6.31
CA ASP A 356 19.33 -21.45 -6.04
C ASP A 356 19.36 -21.67 -4.55
N ILE A 357 18.27 -22.20 -3.99
CA ILE A 357 18.16 -22.26 -2.55
C ILE A 357 17.46 -23.54 -2.09
N LYS A 358 17.99 -24.11 -1.03
CA LYS A 358 17.43 -25.25 -0.39
C LYS A 358 16.38 -24.76 0.58
N PHE A 359 15.15 -25.18 0.38
CA PHE A 359 14.09 -24.75 1.25
C PHE A 359 13.28 -25.96 1.68
N ARG A 360 13.44 -26.37 2.92
CA ARG A 360 12.92 -27.63 3.40
C ARG A 360 13.53 -28.74 2.49
N ASN A 361 12.66 -29.45 1.76
CA ASN A 361 13.04 -30.56 0.91
C ASN A 361 12.98 -30.20 -0.54
N TYR A 362 13.08 -28.93 -0.89
CA TYR A 362 12.92 -28.56 -2.26
C TYR A 362 14.16 -27.82 -2.64
N LEU A 363 14.41 -27.77 -3.96
CA LEU A 363 15.53 -27.02 -4.52
C LEU A 363 14.94 -26.09 -5.52
N ILE A 364 14.97 -24.80 -5.21
CA ILE A 364 14.25 -23.82 -6.00
C ILE A 364 15.30 -23.06 -6.81
N PRO A 365 15.25 -23.17 -8.16
CA PRO A 365 16.24 -22.46 -8.99
C PRO A 365 16.10 -20.95 -8.95
N LYS A 366 17.24 -20.26 -8.93
CA LYS A 366 17.32 -18.84 -9.26
C LYS A 366 16.31 -18.44 -10.29
N GLY A 367 15.50 -17.43 -10.00
CA GLY A 367 14.55 -16.91 -10.97
C GLY A 367 13.11 -17.36 -10.77
N THR A 368 12.88 -18.41 -9.98
CA THR A 368 11.54 -18.95 -9.86
C THR A 368 10.63 -17.92 -9.17
N THR A 369 9.45 -17.64 -9.74
CA THR A 369 8.44 -16.81 -9.10
C THR A 369 7.91 -17.38 -7.77
N ILE A 370 7.85 -16.54 -6.73
CA ILE A 370 7.31 -16.94 -5.41
C ILE A 370 6.06 -16.11 -5.15
N LEU A 371 4.96 -16.76 -4.75
CA LEU A 371 3.73 -16.04 -4.47
C LEU A 371 3.37 -16.27 -3.02
N ILE A 372 3.11 -15.20 -2.29
CA ILE A 372 3.02 -15.25 -0.84
C ILE A 372 1.60 -15.03 -0.47
N SER A 373 1.03 -15.94 0.29
CA SER A 373 -0.36 -15.70 0.66
C SER A 373 -0.44 -14.90 1.93
N LEU A 374 -0.66 -13.59 1.84
CA LEU A 374 -0.83 -12.76 3.05
C LEU A 374 -2.13 -13.04 3.73
N THR A 375 -3.18 -13.41 2.97
CA THR A 375 -4.52 -13.83 3.51
C THR A 375 -4.33 -14.95 4.54
N SER A 376 -3.45 -15.91 4.23
CA SER A 376 -3.30 -17.11 5.05
C SER A 376 -2.73 -16.68 6.35
N VAL A 377 -2.11 -15.48 6.39
CA VAL A 377 -1.48 -15.00 7.63
C VAL A 377 -2.40 -14.08 8.40
N LEU A 378 -2.93 -13.07 7.73
CA LEU A 378 -3.84 -12.12 8.35
C LEU A 378 -5.10 -12.72 8.83
N HIS A 379 -5.56 -13.81 8.19
CA HIS A 379 -6.79 -14.50 8.53
C HIS A 379 -6.57 -15.83 9.16
N ASP A 380 -5.43 -16.02 9.82
CA ASP A 380 -5.09 -17.26 10.51
C ASP A 380 -6.10 -17.52 11.61
N ASN A 381 -6.70 -18.71 11.62
CA ASN A 381 -7.88 -18.89 12.52
C ASN A 381 -7.54 -19.25 13.97
N LYS A 382 -6.29 -19.59 14.21
CA LYS A 382 -5.84 -19.75 15.59
C LYS A 382 -5.37 -18.41 16.18
N GLU A 383 -4.60 -17.61 15.43
CA GLU A 383 -4.15 -16.28 15.98
C GLU A 383 -5.28 -15.28 16.11
N PHE A 384 -6.26 -15.34 15.19
CA PHE A 384 -7.39 -14.41 15.09
C PHE A 384 -8.70 -15.21 15.05
N PRO A 385 -9.07 -15.86 16.18
CA PRO A 385 -10.33 -16.65 16.10
C PRO A 385 -11.55 -15.87 15.49
N ASN A 386 -12.39 -16.55 14.72
CA ASN A 386 -13.38 -15.87 13.85
C ASN A 386 -12.69 -14.77 12.97
N PRO A 387 -11.76 -15.20 12.14
CA PRO A 387 -10.98 -14.26 11.41
C PRO A 387 -11.78 -13.56 10.28
N GLU A 388 -12.93 -14.14 9.90
CA GLU A 388 -13.86 -13.52 8.95
C GLU A 388 -14.64 -12.31 9.49
N MET A 389 -14.68 -12.12 10.82
CA MET A 389 -15.40 -11.00 11.39
C MET A 389 -14.49 -9.79 11.61
N PHE A 390 -15.06 -8.59 11.49
CA PHE A 390 -14.43 -7.33 11.89
C PHE A 390 -14.58 -7.19 13.41
N ASP A 391 -13.49 -7.18 14.13
CA ASP A 391 -13.53 -7.08 15.55
C ASP A 391 -12.19 -6.51 16.08
N PRO A 392 -12.20 -5.27 16.56
CA PRO A 392 -11.05 -4.69 17.19
C PRO A 392 -10.39 -5.52 18.27
N HIS A 393 -11.12 -6.42 18.93
CA HIS A 393 -10.54 -7.26 19.99
C HIS A 393 -9.60 -8.32 19.46
N HIS A 394 -9.51 -8.46 18.13
CA HIS A 394 -8.40 -9.23 17.56
C HIS A 394 -7.07 -8.64 17.89
N PHE A 395 -7.02 -7.34 18.19
CA PHE A 395 -5.76 -6.68 18.62
C PHE A 395 -5.85 -6.11 20.07
N LEU A 396 -6.64 -6.75 20.93
CA LEU A 396 -6.72 -6.45 22.37
C LEU A 396 -6.57 -7.73 23.20
N ASP A 397 -5.84 -7.65 24.32
CA ASP A 397 -5.76 -8.79 25.20
C ASP A 397 -6.98 -8.83 26.08
N GLU A 398 -7.07 -9.85 26.97
CA GLU A 398 -8.28 -10.03 27.77
C GLU A 398 -8.50 -8.92 28.79
N GLY A 399 -7.56 -7.99 28.98
CA GLY A 399 -7.76 -6.81 29.83
C GLY A 399 -8.02 -5.54 29.05
N GLY A 400 -8.16 -5.65 27.72
CA GLY A 400 -8.38 -4.42 26.92
C GLY A 400 -7.13 -3.62 26.60
N ASN A 401 -5.95 -4.15 26.91
CA ASN A 401 -4.72 -3.47 26.41
C ASN A 401 -4.49 -3.77 24.91
N PHE A 402 -3.78 -2.88 24.22
CA PHE A 402 -3.23 -3.22 22.89
C PHE A 402 -2.38 -4.52 22.80
N LYS A 403 -2.78 -5.44 21.96
CA LYS A 403 -2.01 -6.71 21.77
C LYS A 403 -1.48 -6.78 20.31
N LYS A 404 -0.17 -6.60 20.14
CA LYS A 404 0.50 -6.63 18.83
C LYS A 404 0.58 -8.12 18.39
N SER A 405 0.80 -8.37 17.12
CA SER A 405 0.82 -9.76 16.64
C SER A 405 1.86 -9.88 15.55
N LYS A 406 2.59 -10.99 15.58
CA LYS A 406 3.52 -11.37 14.53
C LYS A 406 2.81 -11.73 13.22
N TYR A 407 1.50 -11.98 13.29
CA TYR A 407 0.73 -12.27 12.11
C TYR A 407 0.18 -10.98 11.39
N PHE A 408 0.42 -9.80 11.97
CA PHE A 408 0.06 -8.50 11.32
C PHE A 408 1.05 -8.21 10.21
N MET A 409 0.79 -8.69 8.99
CA MET A 409 1.72 -8.47 7.89
C MET A 409 1.08 -7.82 6.68
N PRO A 410 0.25 -6.79 6.87
CA PRO A 410 -0.37 -6.22 5.66
C PRO A 410 0.62 -5.59 4.68
N PHE A 411 1.81 -5.27 5.13
CA PHE A 411 2.80 -4.57 4.43
C PHE A 411 3.87 -5.56 3.98
N SER A 412 3.55 -6.83 4.16
CA SER A 412 4.39 -7.97 3.81
C SER A 412 5.45 -8.18 4.87
N ALA A 413 6.56 -8.80 4.54
CA ALA A 413 7.63 -9.09 5.53
C ALA A 413 8.93 -9.33 4.86
N GLY A 414 10.00 -9.26 5.63
CA GLY A 414 11.31 -9.45 5.10
C GLY A 414 11.86 -8.18 4.45
N LYS A 415 12.75 -8.42 3.51
CA LYS A 415 13.57 -7.37 2.96
C LYS A 415 12.78 -6.51 1.97
N ARG A 416 11.69 -7.04 1.41
CA ARG A 416 10.82 -6.26 0.49
C ARG A 416 9.60 -5.70 1.19
N ILE A 417 9.59 -5.75 2.50
CA ILE A 417 8.48 -5.08 3.21
C ILE A 417 8.29 -3.67 2.64
N CYS A 418 7.05 -3.25 2.52
CA CYS A 418 6.66 -1.93 2.07
C CYS A 418 7.58 -0.86 2.66
N VAL A 419 8.26 -0.15 1.79
CA VAL A 419 9.07 0.98 2.13
C VAL A 419 8.29 2.20 2.76
N GLY A 420 7.05 2.39 2.45
CA GLY A 420 6.24 3.46 3.07
C GLY A 420 5.49 2.96 4.26
N GLU A 421 5.98 1.91 4.95
CA GLU A 421 5.19 1.35 6.04
C GLU A 421 4.88 2.39 7.11
N ALA A 422 5.93 3.10 7.51
CA ALA A 422 5.84 4.14 8.56
C ALA A 422 4.96 5.35 8.13
N LEU A 423 5.18 5.87 6.93
CA LEU A 423 4.30 6.84 6.31
C LEU A 423 2.82 6.44 6.25
N ALA A 424 2.51 5.25 5.77
CA ALA A 424 1.15 4.76 5.75
C ALA A 424 0.51 4.66 7.17
N GLY A 425 1.24 4.15 8.15
CA GLY A 425 0.71 4.10 9.52
C GLY A 425 0.31 5.51 9.98
N MET A 426 1.17 6.51 9.71
CA MET A 426 0.86 7.89 10.05
C MET A 426 -0.39 8.42 9.39
N GLU A 427 -0.54 8.14 8.10
CA GLU A 427 -1.65 8.67 7.39
C GLU A 427 -2.93 8.07 7.88
N LEU A 428 -2.93 6.77 8.06
CA LEU A 428 -4.18 6.15 8.41
C LEU A 428 -4.60 6.70 9.80
N PHE A 429 -3.66 6.77 10.73
CA PHE A 429 -4.01 7.27 12.09
C PHE A 429 -4.41 8.75 12.15
N LEU A 430 -3.56 9.60 11.62
CA LEU A 430 -3.87 11.01 11.55
C LEU A 430 -5.09 11.41 10.76
N PHE A 431 -5.29 10.80 9.60
CA PHE A 431 -6.50 11.11 8.84
C PHE A 431 -7.73 10.52 9.46
N LEU A 432 -7.69 9.28 9.94
CA LEU A 432 -8.91 8.75 10.51
C LEU A 432 -9.33 9.47 11.80
N THR A 433 -8.37 9.79 12.63
CA THR A 433 -8.68 10.52 13.87
C THR A 433 -9.15 12.01 13.65
N SER A 434 -8.53 12.73 12.73
CA SER A 434 -9.02 14.02 12.26
C SER A 434 -10.45 13.96 11.74
N ILE A 435 -10.75 12.98 10.93
CA ILE A 435 -12.10 12.86 10.48
C ILE A 435 -13.03 12.68 11.71
N LEU A 436 -12.68 11.76 12.59
CA LEU A 436 -13.62 11.34 13.59
C LEU A 436 -13.70 12.39 14.70
N GLN A 437 -12.67 13.22 14.80
CA GLN A 437 -12.62 14.35 15.73
C GLN A 437 -13.59 15.47 15.35
N ASN A 438 -13.88 15.60 14.05
CA ASN A 438 -14.62 16.75 13.55
C ASN A 438 -15.99 16.43 13.03
N PHE A 439 -16.27 15.15 12.83
CA PHE A 439 -17.49 14.79 12.23
C PHE A 439 -18.04 13.51 12.78
N ASN A 440 -19.34 13.41 12.57
CA ASN A 440 -20.05 12.15 12.72
C ASN A 440 -20.36 11.70 11.32
N LEU A 441 -20.63 10.41 11.17
CA LEU A 441 -20.77 9.83 9.87
C LEU A 441 -22.14 9.22 9.76
N LYS A 442 -22.84 9.52 8.66
CA LYS A 442 -24.22 9.08 8.53
C LYS A 442 -24.40 8.36 7.24
N SER A 443 -24.95 7.16 7.34
CA SER A 443 -25.26 6.37 6.18
C SER A 443 -26.68 6.63 5.67
N LEU A 444 -26.86 6.65 4.36
CA LEU A 444 -28.19 6.76 3.73
C LEU A 444 -28.94 5.44 3.74
N VAL A 445 -28.25 4.38 3.32
CA VAL A 445 -28.74 3.02 3.55
C VAL A 445 -28.62 2.75 5.06
N ASP A 446 -29.50 1.90 5.56
CA ASP A 446 -29.48 1.48 6.95
C ASP A 446 -28.25 0.56 7.20
N PRO A 447 -27.42 0.81 8.25
CA PRO A 447 -26.26 -0.05 8.49
C PRO A 447 -26.57 -1.53 8.36
N LYS A 448 -27.61 -1.97 9.06
CA LYS A 448 -28.09 -3.35 8.97
C LYS A 448 -27.99 -3.96 7.57
N ASN A 449 -28.38 -3.25 6.53
CA ASN A 449 -28.47 -3.86 5.18
C ASN A 449 -27.27 -3.55 4.25
N LEU A 450 -26.66 -2.36 4.39
CA LEU A 450 -25.39 -1.97 3.71
C LEU A 450 -24.41 -3.10 3.34
N ASP A 451 -24.33 -3.45 2.06
CA ASP A 451 -23.50 -4.56 1.60
C ASP A 451 -22.04 -4.10 1.59
N THR A 452 -21.13 -4.95 2.09
CA THR A 452 -19.71 -4.59 2.23
C THR A 452 -18.74 -5.53 1.51
N THR A 453 -19.28 -6.37 0.62
CA THR A 453 -18.45 -7.32 -0.12
C THR A 453 -17.53 -6.63 -1.14
N PRO A 454 -16.24 -7.00 -1.16
CA PRO A 454 -15.34 -6.34 -2.14
C PRO A 454 -15.78 -6.55 -3.61
N VAL A 455 -15.50 -5.54 -4.42
CA VAL A 455 -15.67 -5.67 -5.85
C VAL A 455 -14.49 -6.39 -6.48
N VAL A 456 -14.75 -7.16 -7.53
CA VAL A 456 -13.74 -7.98 -8.15
C VAL A 456 -12.64 -7.10 -8.77
N ASN A 457 -11.39 -7.50 -8.49
CA ASN A 457 -10.21 -6.79 -8.89
C ASN A 457 -9.10 -7.84 -8.98
N GLY A 458 -8.18 -7.65 -9.90
CA GLY A 458 -7.12 -8.63 -10.15
C GLY A 458 -5.97 -8.68 -9.16
N PHE A 459 -5.78 -7.60 -8.39
CA PHE A 459 -4.69 -7.50 -7.42
C PHE A 459 -5.01 -7.19 -5.95
N ALA A 460 -6.13 -6.53 -5.72
CA ALA A 460 -6.43 -5.86 -4.45
C ALA A 460 -7.85 -6.04 -4.00
N SER A 461 -8.11 -6.05 -2.68
CA SER A 461 -9.49 -6.03 -2.13
C SER A 461 -10.06 -4.59 -2.16
N VAL A 462 -11.02 -4.32 -3.03
CA VAL A 462 -11.50 -2.96 -3.23
C VAL A 462 -12.91 -2.94 -2.62
N PRO A 463 -13.23 -1.89 -1.87
CA PRO A 463 -14.55 -1.82 -1.32
C PRO A 463 -15.67 -1.42 -2.35
N PRO A 464 -16.87 -1.88 -2.12
CA PRO A 464 -17.99 -1.40 -2.97
C PRO A 464 -18.25 0.08 -2.83
N PHE A 465 -19.02 0.63 -3.80
CA PHE A 465 -19.39 2.04 -3.81
C PHE A 465 -20.36 2.30 -2.64
N TYR A 466 -20.28 3.46 -2.05
CA TYR A 466 -21.18 3.86 -1.02
C TYR A 466 -21.13 5.32 -0.96
N GLN A 467 -22.15 5.89 -0.37
CA GLN A 467 -22.09 7.29 -0.13
C GLN A 467 -22.37 7.47 1.30
N LEU A 468 -21.97 8.62 1.84
CA LEU A 468 -22.32 9.00 3.20
C LEU A 468 -22.26 10.52 3.36
N CYS A 469 -22.75 11.00 4.50
CA CYS A 469 -22.65 12.39 4.86
C CYS A 469 -21.73 12.56 6.06
N PHE A 470 -20.94 13.63 6.02
CA PHE A 470 -20.11 14.05 7.10
C PHE A 470 -20.79 15.22 7.81
N ILE A 471 -21.34 14.92 8.99
CA ILE A 471 -22.03 15.91 9.82
C ILE A 471 -21.10 16.48 10.88
N PRO A 472 -20.80 17.80 10.81
CA PRO A 472 -19.91 18.45 11.78
C PRO A 472 -20.37 18.21 13.20
N ILE A 473 -19.43 18.17 14.14
CA ILE A 473 -19.61 17.33 15.33
C ILE A 473 -20.53 17.97 16.40
N HIS A 474 -21.39 17.14 17.03
CA HIS A 474 -22.28 17.55 18.15
C HIS A 474 -22.68 16.41 19.13
N HIS A 475 -22.96 16.77 20.40
CA HIS A 475 -23.47 15.86 21.44
C HIS A 475 -24.82 16.36 21.95
F1 XI1 B . 4.50 0.41 -14.73
C2 XI1 B . 3.35 1.06 -14.78
F3 XI1 B . 2.45 0.37 -14.11
F4 XI1 B . 2.96 1.15 -16.03
S5 XI1 B . 3.53 2.74 -14.05
O6 XI1 B . 2.33 3.40 -14.40
O7 XI1 B . 4.80 3.19 -14.51
N8 XI1 B . 3.58 2.58 -12.46
C9 XI1 B . 2.77 3.41 -11.55
C11 XI1 B . 3.46 3.48 -10.20
C12 XI1 B . 3.55 2.11 -9.55
C13 XI1 B . 2.18 1.48 -9.44
C15 XI1 B . 1.49 1.40 -10.79
C16 XI1 B . 1.40 2.78 -11.42
O17 XI1 B . 2.35 0.09 -9.08
C18 XI1 B . 1.92 -0.16 -7.79
C19 XI1 B . 0.57 -0.07 -7.45
C20 XI1 B . 0.17 -0.36 -6.17
C21 XI1 B . 1.11 -0.74 -5.20
C22 XI1 B . 0.67 -1.07 -3.87
N23 XI1 B . 0.27 -1.32 -2.83
C24 XI1 B . 2.45 -0.81 -5.56
CL25 XI1 B . 3.66 -1.29 -4.41
C26 XI1 B . 2.86 -0.51 -6.85
CHA HEM C . 5.32 -2.38 -1.59
CHB HEM C . 1.42 -2.73 1.22
CHC HEM C . 1.37 2.13 1.44
CHD HEM C . 5.50 2.39 -1.19
C1A HEM C . 4.26 -2.89 -0.89
C2A HEM C . 4.01 -4.28 -0.73
C3A HEM C . 2.94 -4.40 0.11
C4A HEM C . 2.52 -3.08 0.47
CMA HEM C . 2.28 -5.68 0.55
CAA HEM C . 4.75 -5.46 -1.34
CBA HEM C . 5.81 -6.07 -0.43
CGA HEM C . 6.30 -7.43 -0.97
O1A HEM C . 6.19 -8.50 -0.34
O2A HEM C . 6.71 -7.51 -2.14
C1B HEM C . 1.04 -1.37 1.49
C2B HEM C . -0.11 -0.98 2.23
C3B HEM C . -0.13 0.36 2.31
C4B HEM C . 1.03 0.81 1.54
CMB HEM C . -1.15 -1.87 2.88
CAB HEM C . -1.10 1.38 2.92
CBB HEM C . -2.24 1.04 3.47
C1C HEM C . 2.53 2.63 0.78
C2C HEM C . 2.96 3.97 0.78
C3C HEM C . 4.11 4.05 0.01
C4C HEM C . 4.45 2.73 -0.41
CMC HEM C . 2.26 5.14 1.46
CAC HEM C . 4.83 5.35 -0.07
CBC HEM C . 6.07 5.50 -0.05
C1D HEM C . 5.68 1.07 -1.55
C2D HEM C . 6.81 0.66 -2.42
C3D HEM C . 6.80 -0.68 -2.51
C4D HEM C . 5.63 -1.06 -1.66
CMD HEM C . 7.86 1.54 -3.07
CAD HEM C . 7.79 -1.52 -3.31
CBD HEM C . 8.87 -2.04 -2.41
CGD HEM C . 9.96 -2.97 -2.94
O1D HEM C . 9.79 -3.59 -3.95
O2D HEM C . 11.08 -3.09 -2.34
NA HEM C . 3.39 -2.14 -0.09
NB HEM C . 1.71 -0.28 1.14
NC HEM C . 3.47 1.90 0.12
ND HEM C . 5.03 -0.02 -1.02
FE HEM C . 3.47 -0.13 0.06
#